data_9DME
#
_entry.id   9DME
#
_cell.length_a   1.00
_cell.length_b   1.00
_cell.length_c   1.00
_cell.angle_alpha   90.00
_cell.angle_beta   90.00
_cell.angle_gamma   90.00
#
_symmetry.space_group_name_H-M   'P 1'
#
loop_
_entity.id
_entity.type
_entity.pdbx_description
1 polymer 'Microtubule-associated protein tau'
2 non-polymer 1,3-dimethylbenzene
#
_entity_poly.entity_id   1
_entity_poly.type   'polypeptide(L)'
_entity_poly.pdbx_seq_one_letter_code
;(ACE)CDNIKHVPGGGSVQIVYKPVC(NH2)
;
_entity_poly.pdbx_strand_id   J,L,A,C,D,F,G,I,M,O,K,N,E,B,H
#
loop_
_chem_comp.id
_chem_comp.type
_chem_comp.name
_chem_comp.formula
8VH non-polymer 1,3-dimethylbenzene 'C8 H10'
ACE non-polymer 'ACETYL GROUP' 'C2 H4 O'
NH2 non-polymer 'AMINO GROUP' 'H2 N'
#
# COMPACT_ATOMS: atom_id res chain seq x y z
C ACE A 1 8.47 -3.93 -8.42
O ACE A 1 9.59 -3.41 -8.49
CH3 ACE A 1 7.46 -3.46 -7.43
N CYS A 2 8.07 -4.92 -9.20
CA CYS A 2 8.87 -5.57 -10.25
C CYS A 2 8.82 -4.80 -11.57
N ASP A 3 9.89 -4.94 -12.36
CA ASP A 3 9.97 -4.33 -13.68
C ASP A 3 10.75 -5.24 -14.62
N ASN A 4 10.33 -5.25 -15.89
CA ASN A 4 11.04 -5.96 -16.96
C ASN A 4 11.25 -7.44 -16.62
N ILE A 5 10.26 -8.04 -15.97
CA ILE A 5 10.35 -9.46 -15.62
C ILE A 5 10.04 -10.30 -16.86
N LYS A 6 10.94 -11.21 -17.19
CA LYS A 6 10.76 -12.14 -18.30
C LYS A 6 10.71 -13.54 -17.71
N HIS A 7 9.52 -13.96 -17.30
CA HIS A 7 9.32 -15.25 -16.64
C HIS A 7 8.94 -16.28 -17.71
N VAL A 8 9.92 -17.03 -18.18
CA VAL A 8 9.68 -18.03 -19.22
C VAL A 8 10.25 -19.38 -18.75
N PRO A 9 9.56 -20.07 -17.85
CA PRO A 9 10.11 -21.34 -17.34
C PRO A 9 10.15 -22.47 -18.35
N GLY A 10 9.38 -22.41 -19.43
CA GLY A 10 9.30 -23.56 -20.31
C GLY A 10 8.74 -24.79 -19.62
N GLY A 11 7.79 -24.59 -18.71
CA GLY A 11 7.25 -25.68 -17.93
C GLY A 11 6.26 -25.16 -16.91
N GLY A 12 5.98 -25.98 -15.91
CA GLY A 12 5.06 -25.61 -14.85
C GLY A 12 5.47 -24.35 -14.12
N SER A 13 4.55 -23.40 -14.00
CA SER A 13 4.81 -22.11 -13.37
C SER A 13 3.77 -21.85 -12.30
N VAL A 14 4.22 -21.66 -11.06
CA VAL A 14 3.34 -21.37 -9.94
C VAL A 14 3.87 -20.13 -9.23
N GLN A 15 2.99 -19.16 -9.00
CA GLN A 15 3.34 -17.94 -8.26
C GLN A 15 2.34 -17.77 -7.14
N ILE A 16 2.82 -17.82 -5.90
CA ILE A 16 1.97 -17.70 -4.71
C ILE A 16 2.50 -16.54 -3.89
N VAL A 17 1.65 -15.55 -3.64
CA VAL A 17 2.04 -14.35 -2.91
C VAL A 17 1.04 -14.13 -1.77
N TYR A 18 1.47 -13.43 -0.73
CA TYR A 18 0.62 -13.13 0.41
C TYR A 18 0.93 -11.73 0.91
N LYS A 19 -0.13 -10.91 1.06
CA LYS A 19 -0.09 -9.51 1.50
C LYS A 19 1.13 -8.74 1.01
N PRO A 20 1.42 -8.69 -0.29
CA PRO A 20 2.60 -7.97 -0.75
C PRO A 20 2.37 -6.46 -0.75
N VAL A 21 3.48 -5.74 -0.84
CA VAL A 21 3.47 -4.28 -1.01
C VAL A 21 4.44 -3.98 -2.14
N CYS A 22 3.93 -3.84 -3.35
CA CYS A 22 4.77 -3.59 -4.52
C CYS A 22 4.84 -2.11 -4.84
N NH2 A 23 3.69 -1.53 -5.26
C ACE B 1 7.83 9.28 5.57
O ACE B 1 8.42 9.12 6.65
CH3 ACE B 1 7.08 8.15 4.92
N CYS B 2 7.80 10.43 4.91
CA CYS B 2 8.46 11.66 5.32
C CYS B 2 7.62 12.46 6.32
N ASP B 3 8.30 13.25 7.16
CA ASP B 3 7.63 14.13 8.10
C ASP B 3 8.44 15.40 8.28
N ASN B 4 7.74 16.52 8.47
CA ASN B 4 8.36 17.81 8.79
C ASN B 4 9.41 18.21 7.77
N ILE B 5 9.16 17.90 6.50
CA ILE B 5 10.09 18.26 5.44
C ILE B 5 9.92 19.74 5.10
N LYS B 6 11.02 20.48 5.13
CA LYS B 6 11.02 21.90 4.76
C LYS B 6 11.92 22.04 3.54
N HIS B 7 11.33 21.84 2.37
CA HIS B 7 12.06 21.87 1.10
C HIS B 7 11.98 23.28 0.53
N VAL B 8 13.02 24.07 0.77
CA VAL B 8 13.05 25.45 0.29
C VAL B 8 14.36 25.69 -0.47
N PRO B 9 14.46 25.20 -1.71
CA PRO B 9 15.72 25.36 -2.44
C PRO B 9 16.05 26.78 -2.86
N GLY B 10 15.08 27.69 -2.90
CA GLY B 10 15.37 29.01 -3.43
C GLY B 10 15.79 28.96 -4.89
N GLY B 11 15.22 28.04 -5.65
CA GLY B 11 15.60 27.86 -7.04
C GLY B 11 14.85 26.70 -7.65
N GLY B 12 15.38 26.19 -8.76
CA GLY B 12 14.78 25.06 -9.43
C GLY B 12 14.65 23.83 -8.57
N SER B 13 13.44 23.27 -8.51
CA SER B 13 13.16 22.11 -7.66
C SER B 13 12.51 21.02 -8.51
N VAL B 14 13.14 19.85 -8.54
CA VAL B 14 12.63 18.70 -9.28
C VAL B 14 12.61 17.51 -8.34
N GLN B 15 11.47 16.82 -8.28
CA GLN B 15 11.32 15.61 -7.48
C GLN B 15 10.77 14.51 -8.38
N ILE B 16 11.55 13.46 -8.57
CA ILE B 16 11.18 12.34 -9.43
C ILE B 16 11.24 11.07 -8.58
N VAL B 17 10.10 10.37 -8.49
CA VAL B 17 9.98 9.17 -7.68
C VAL B 17 9.43 8.05 -8.55
N TYR B 18 9.71 6.81 -8.16
CA TYR B 18 9.22 5.64 -8.88
C TYR B 18 8.87 4.54 -7.89
N LYS B 19 7.65 4.01 -8.01
CA LYS B 19 7.06 2.97 -7.17
C LYS B 19 7.47 3.05 -5.70
N PRO B 20 7.28 4.19 -5.03
CA PRO B 20 7.68 4.28 -3.63
C PRO B 20 6.70 3.57 -2.71
N VAL B 21 7.16 3.32 -1.49
CA VAL B 21 6.33 2.78 -0.41
C VAL B 21 6.59 3.66 0.80
N CYS B 22 5.73 4.66 1.02
CA CYS B 22 5.91 5.59 2.12
C CYS B 22 5.08 5.17 3.34
N NH2 B 23 3.76 5.27 3.20
C ACE C 1 -4.88 -0.94 -13.16
O ACE C 1 -3.76 -0.41 -13.20
CH3 ACE C 1 -5.91 -0.51 -12.16
N CYS C 2 -5.28 -1.91 -13.98
CA CYS C 2 -4.46 -2.50 -15.03
C CYS C 2 -4.49 -1.69 -16.33
N ASP C 3 -3.43 -1.79 -17.13
CA ASP C 3 -3.35 -1.13 -18.42
C ASP C 3 -2.55 -2.00 -19.38
N ASN C 4 -2.96 -1.98 -20.66
CA ASN C 4 -2.24 -2.65 -21.75
C ASN C 4 -2.01 -4.13 -21.45
N ILE C 5 -2.99 -4.77 -20.83
CA ILE C 5 -2.89 -6.19 -20.53
C ILE C 5 -3.18 -6.99 -21.80
N LYS C 6 -2.27 -7.88 -22.15
CA LYS C 6 -2.44 -8.78 -23.30
C LYS C 6 -2.47 -10.19 -22.76
N HIS C 7 -3.65 -10.65 -22.37
CA HIS C 7 -3.85 -11.96 -21.76
C HIS C 7 -4.21 -12.95 -22.86
N VAL C 8 -3.21 -13.68 -23.35
CA VAL C 8 -3.43 -14.65 -24.42
C VAL C 8 -2.85 -16.00 -24.00
N PRO C 9 -3.53 -16.74 -23.13
CA PRO C 9 -2.98 -18.02 -22.66
C PRO C 9 -2.92 -19.11 -23.71
N GLY C 10 -3.68 -19.02 -24.79
CA GLY C 10 -3.75 -20.14 -25.71
C GLY C 10 -4.29 -21.39 -25.05
N GLY C 11 -5.25 -21.23 -24.15
CA GLY C 11 -5.78 -22.37 -23.41
C GLY C 11 -6.79 -21.89 -22.39
N GLY C 12 -7.05 -22.75 -21.40
CA GLY C 12 -7.99 -22.42 -20.35
C GLY C 12 -7.60 -21.18 -19.57
N SER C 13 -8.53 -20.24 -19.43
CA SER C 13 -8.29 -18.97 -18.75
C SER C 13 -9.35 -18.77 -17.69
N VAL C 14 -8.91 -18.61 -16.44
CA VAL C 14 -9.79 -18.37 -15.31
C VAL C 14 -9.29 -17.16 -14.55
N GLN C 15 -10.17 -16.19 -14.29
CA GLN C 15 -9.84 -15.00 -13.51
C GLN C 15 -10.86 -14.89 -12.39
N ILE C 16 -10.40 -14.97 -11.15
CA ILE C 16 -11.25 -14.90 -9.97
C ILE C 16 -10.74 -13.76 -9.10
N VAL C 17 -11.59 -12.78 -8.83
CA VAL C 17 -11.23 -11.60 -8.05
C VAL C 17 -12.24 -11.44 -6.92
N TYR C 18 -11.83 -10.77 -5.86
CA TYR C 18 -12.69 -10.51 -4.71
C TYR C 18 -12.40 -9.13 -4.16
N LYS C 19 -13.46 -8.33 -3.99
CA LYS C 19 -13.45 -6.95 -3.50
C LYS C 19 -12.22 -6.14 -3.95
N PRO C 20 -11.94 -6.06 -5.24
CA PRO C 20 -10.76 -5.30 -5.67
C PRO C 20 -11.00 -3.80 -5.62
N VAL C 21 -9.91 -3.05 -5.67
CA VAL C 21 -9.93 -1.60 -5.80
C VAL C 21 -8.95 -1.24 -6.91
N CYS C 22 -9.47 -1.07 -8.12
CA CYS C 22 -8.61 -0.78 -9.28
C CYS C 22 -8.56 0.73 -9.54
N NH2 C 23 -9.70 1.34 -9.98
C ACE D 1 -5.77 11.78 1.27
O ACE D 1 -5.19 11.59 2.35
CH3 ACE D 1 -6.51 10.68 0.58
N CYS D 2 -5.81 12.95 0.63
CA CYS D 2 -5.17 14.17 1.10
C CYS D 2 -6.02 14.95 2.12
N ASP D 3 -5.37 15.70 3.00
CA ASP D 3 -6.05 16.54 3.97
C ASP D 3 -5.26 17.82 4.20
N ASN D 4 -5.97 18.93 4.42
CA ASN D 4 -5.37 20.21 4.79
C ASN D 4 -4.31 20.65 3.79
N ILE D 5 -4.56 20.39 2.50
CA ILE D 5 -3.63 20.79 1.46
C ILE D 5 -3.81 22.27 1.17
N LYS D 6 -2.72 23.03 1.23
CA LYS D 6 -2.72 24.46 0.92
C LYS D 6 -1.83 24.65 -0.30
N HIS D 7 -2.40 24.49 -1.48
CA HIS D 7 -1.67 24.57 -2.74
C HIS D 7 -1.76 25.99 -3.26
N VAL D 8 -0.73 26.79 -2.99
CA VAL D 8 -0.71 28.19 -3.42
C VAL D 8 0.60 28.46 -4.16
N PRO D 9 0.72 28.02 -5.42
CA PRO D 9 1.98 28.22 -6.14
C PRO D 9 2.30 29.66 -6.50
N GLY D 10 1.31 30.55 -6.51
CA GLY D 10 1.59 31.89 -7.01
C GLY D 10 2.02 31.90 -8.45
N GLY D 11 1.46 31.00 -9.25
CA GLY D 11 1.86 30.87 -10.64
C GLY D 11 1.13 29.72 -11.30
N GLY D 12 1.68 29.26 -12.42
CA GLY D 12 1.09 28.15 -13.14
C GLY D 12 0.96 26.89 -12.32
N SER D 13 -0.23 26.31 -12.29
CA SER D 13 -0.51 25.12 -11.48
C SER D 13 -1.13 24.06 -12.37
N VAL D 14 -0.49 22.90 -12.44
CA VAL D 14 -0.98 21.76 -13.22
C VAL D 14 -0.99 20.53 -12.32
N GLN D 15 -2.13 19.84 -12.29
CA GLN D 15 -2.28 18.59 -11.53
C GLN D 15 -2.80 17.52 -12.48
N ILE D 16 -2.01 16.48 -12.69
CA ILE D 16 -2.36 15.39 -13.59
C ILE D 16 -2.30 14.09 -12.79
N VAL D 17 -3.42 13.38 -12.72
CA VAL D 17 -3.53 12.15 -11.96
C VAL D 17 -4.06 11.06 -12.88
N TYR D 18 -3.78 9.80 -12.52
CA TYR D 18 -4.24 8.66 -13.29
C TYR D 18 -4.59 7.52 -12.34
N LYS D 19 -5.80 6.98 -12.49
CA LYS D 19 -6.38 5.90 -11.69
C LYS D 19 -5.99 5.94 -10.21
N PRO D 20 -6.19 7.05 -9.51
CA PRO D 20 -5.80 7.10 -8.10
C PRO D 20 -6.78 6.34 -7.21
N VAL D 21 -6.32 6.07 -5.99
CA VAL D 21 -7.16 5.48 -4.94
C VAL D 21 -6.92 6.32 -3.70
N CYS D 22 -7.79 7.30 -3.45
CA CYS D 22 -7.63 8.19 -2.31
C CYS D 22 -8.46 7.72 -1.12
N NH2 D 23 -9.78 7.81 -1.26
C ACE E 1 -0.43 -1.91 -11.59
O ACE E 1 0.70 -1.39 -11.65
CH3 ACE E 1 -1.46 -1.47 -10.59
N CYS E 2 -0.83 -2.89 -12.40
CA CYS E 2 -0.01 -3.50 -13.45
C CYS E 2 -0.05 -2.71 -14.75
N ASP E 3 1.02 -2.82 -15.55
CA ASP E 3 1.09 -2.18 -16.85
C ASP E 3 1.89 -3.06 -17.81
N ASN E 4 1.48 -3.05 -19.08
CA ASN E 4 2.19 -3.73 -20.16
C ASN E 4 2.42 -5.21 -19.85
N ILE E 5 1.44 -5.84 -19.23
CA ILE E 5 1.53 -7.26 -18.91
C ILE E 5 1.24 -8.07 -20.15
N LYS E 6 2.14 -8.98 -20.51
CA LYS E 6 1.96 -9.88 -21.64
C LYS E 6 1.92 -11.30 -21.08
N HIS E 7 0.74 -11.73 -20.68
CA HIS E 7 0.55 -13.04 -20.06
C HIS E 7 0.18 -14.04 -21.15
N VAL E 8 1.17 -14.78 -21.63
CA VAL E 8 0.94 -15.76 -22.69
C VAL E 8 1.52 -17.11 -22.25
N PRO E 9 0.84 -17.83 -21.37
CA PRO E 9 1.39 -19.11 -20.88
C PRO E 9 1.43 -20.21 -21.92
N GLY E 10 0.67 -20.13 -23.01
CA GLY E 10 0.61 -21.27 -23.91
C GLY E 10 0.05 -22.51 -23.25
N GLY E 11 -0.89 -22.33 -22.34
CA GLY E 11 -1.44 -23.46 -21.59
C GLY E 11 -2.45 -22.96 -20.56
N GLY E 12 -2.71 -23.81 -19.57
CA GLY E 12 -3.64 -23.47 -18.51
C GLY E 12 -3.24 -22.22 -17.76
N SER E 13 -4.18 -21.28 -17.62
CA SER E 13 -3.92 -20.00 -16.96
C SER E 13 -4.98 -19.77 -15.90
N VAL E 14 -4.53 -19.60 -14.65
CA VAL E 14 -5.42 -19.35 -13.52
C VAL E 14 -4.90 -18.13 -12.78
N GLN E 15 -5.78 -17.16 -12.53
CA GLN E 15 -5.45 -15.97 -11.76
C GLN E 15 -6.46 -15.82 -10.64
N ILE E 16 -5.99 -15.90 -9.40
CA ILE E 16 -6.84 -15.80 -8.21
C ILE E 16 -6.32 -14.66 -7.36
N VAL E 17 -7.18 -13.68 -7.10
CA VAL E 17 -6.81 -12.49 -6.34
C VAL E 17 -7.81 -12.32 -5.20
N TYR E 18 -7.39 -11.63 -4.15
CA TYR E 18 -8.25 -11.36 -3.00
C TYR E 18 -7.95 -9.97 -2.47
N LYS E 19 -9.01 -9.16 -2.31
CA LYS E 19 -8.99 -7.78 -1.83
C LYS E 19 -7.77 -6.98 -2.30
N PRO E 20 -7.47 -6.91 -3.60
CA PRO E 20 -6.29 -6.16 -4.04
C PRO E 20 -6.54 -4.66 -4.00
N VAL E 21 -5.43 -3.92 -4.07
CA VAL E 21 -5.45 -2.47 -4.20
C VAL E 21 -4.48 -2.13 -5.33
N CYS E 22 -4.99 -1.97 -6.54
CA CYS E 22 -4.15 -1.69 -7.70
C CYS E 22 -4.08 -0.20 -7.99
N NH2 E 23 -5.23 0.35 -8.43
C ACE F 1 -1.23 10.97 2.69
O ACE F 1 -0.64 10.80 3.77
CH3 ACE F 1 -1.97 9.86 2.01
N CYS F 2 -1.26 12.14 2.05
CA CYS F 2 -0.61 13.37 2.50
C CYS F 2 -1.46 14.15 3.50
N ASP F 3 -0.81 14.92 4.36
CA ASP F 3 -1.48 15.77 5.34
C ASP F 3 -0.67 17.05 5.54
N ASN F 4 -1.38 18.15 5.75
CA ASN F 4 -0.78 19.45 6.10
C ASN F 4 0.28 19.88 5.09
N ILE F 5 0.03 19.60 3.81
CA ILE F 5 0.96 19.98 2.76
C ILE F 5 0.78 21.46 2.46
N LYS F 6 1.87 22.21 2.50
CA LYS F 6 1.87 23.63 2.17
C LYS F 6 2.77 23.81 0.95
N HIS F 7 2.18 23.64 -0.23
CA HIS F 7 2.93 23.70 -1.48
C HIS F 7 2.84 25.11 -2.02
N VAL F 8 3.87 25.92 -1.76
CA VAL F 8 3.89 27.31 -2.21
C VAL F 8 5.20 27.57 -2.95
N PRO F 9 5.31 27.11 -4.20
CA PRO F 9 6.57 27.29 -4.94
C PRO F 9 6.89 28.73 -5.31
N GLY F 10 5.92 29.63 -5.34
CA GLY F 10 6.20 30.97 -5.85
C GLY F 10 6.63 30.95 -7.30
N GLY F 11 6.06 30.04 -8.08
CA GLY F 11 6.46 29.89 -9.47
C GLY F 11 5.72 28.74 -10.11
N GLY F 12 6.26 28.26 -11.22
CA GLY F 12 5.66 27.15 -11.93
C GLY F 12 5.54 25.90 -11.09
N SER F 13 4.33 25.32 -11.05
CA SER F 13 4.06 24.14 -10.23
C SER F 13 3.43 23.07 -11.11
N VAL F 14 4.07 21.91 -11.17
CA VAL F 14 3.57 20.77 -11.94
C VAL F 14 3.55 19.55 -11.02
N GLN F 15 2.41 18.85 -10.98
CA GLN F 15 2.27 17.62 -10.20
C GLN F 15 1.73 16.55 -11.13
N ILE F 16 2.52 15.50 -11.34
CA ILE F 16 2.17 14.39 -12.22
C ILE F 16 2.22 13.11 -11.40
N VAL F 17 1.10 12.41 -11.33
CA VAL F 17 0.98 11.18 -10.55
C VAL F 17 0.44 10.08 -11.45
N TYR F 18 0.73 8.83 -11.09
CA TYR F 18 0.26 7.67 -11.84
C TYR F 18 -0.09 6.55 -10.87
N LYS F 19 -1.31 6.01 -11.01
CA LYS F 19 -1.89 4.95 -10.20
C LYS F 19 -1.50 5.00 -8.72
N PRO F 20 -1.70 6.13 -8.03
CA PRO F 20 -1.30 6.18 -6.62
C PRO F 20 -2.28 5.44 -5.73
N VAL F 21 -1.82 5.18 -4.50
CA VAL F 21 -2.66 4.62 -3.45
C VAL F 21 -2.40 5.46 -2.21
N CYS F 22 -3.27 6.44 -1.97
CA CYS F 22 -3.10 7.36 -0.84
C CYS F 22 -3.93 6.90 0.36
N NH2 F 23 -5.25 6.99 0.21
C ACE G 1 4.03 -2.91 -10.01
O ACE G 1 5.14 -2.40 -10.08
CH3 ACE G 1 3.00 -2.47 -9.01
N CYS G 2 3.62 -3.90 -10.81
CA CYS G 2 4.43 -4.53 -11.86
C CYS G 2 4.39 -3.75 -13.18
N ASP G 3 5.46 -3.87 -13.96
CA ASP G 3 5.53 -3.24 -15.27
C ASP G 3 6.32 -4.12 -16.22
N ASN G 4 5.90 -4.14 -17.49
CA ASN G 4 6.62 -4.83 -18.57
C ASN G 4 6.84 -6.31 -18.25
N ILE G 5 5.85 -6.93 -17.61
CA ILE G 5 5.94 -8.35 -17.28
C ILE G 5 5.64 -9.17 -18.52
N LYS G 6 6.55 -10.08 -18.86
CA LYS G 6 6.37 -10.99 -19.98
C LYS G 6 6.33 -12.40 -19.42
N HIS G 7 5.13 -12.83 -19.01
CA HIS G 7 4.94 -14.13 -18.37
C HIS G 7 4.56 -15.14 -19.44
N VAL G 8 5.55 -15.89 -19.93
CA VAL G 8 5.32 -16.89 -20.98
C VAL G 8 5.89 -18.22 -20.53
N PRO G 9 5.21 -18.94 -19.63
CA PRO G 9 5.76 -20.21 -19.14
C PRO G 9 5.80 -21.33 -20.16
N GLY G 10 5.04 -21.26 -21.25
CA GLY G 10 4.96 -22.40 -22.14
C GLY G 10 4.41 -23.63 -21.46
N GLY G 11 3.46 -23.44 -20.55
CA GLY G 11 2.91 -24.55 -19.79
C GLY G 11 1.91 -24.05 -18.77
N GLY G 12 1.65 -24.89 -17.77
CA GLY G 12 0.72 -24.53 -16.71
C GLY G 12 1.12 -23.28 -15.97
N SER G 13 0.20 -22.32 -15.84
CA SER G 13 0.45 -21.05 -15.19
C SER G 13 -0.60 -20.80 -14.12
N VAL G 14 -0.15 -20.63 -12.88
CA VAL G 14 -1.03 -20.36 -11.75
C VAL G 14 -0.51 -19.12 -11.03
N GLN G 15 -1.39 -18.16 -10.79
CA GLN G 15 -1.05 -16.96 -10.03
C GLN G 15 -2.06 -16.80 -8.91
N ILE G 16 -1.58 -16.86 -7.67
CA ILE G 16 -2.43 -16.75 -6.48
C ILE G 16 -1.91 -15.61 -5.64
N VAL G 17 -2.75 -14.61 -5.40
CA VAL G 17 -2.38 -13.42 -4.64
C VAL G 17 -3.38 -13.23 -3.51
N TYR G 18 -2.96 -12.53 -2.45
CA TYR G 18 -3.81 -12.25 -1.32
C TYR G 18 -3.50 -10.85 -0.80
N LYS G 19 -4.57 -10.04 -0.65
CA LYS G 19 -4.54 -8.66 -0.18
C LYS G 19 -3.32 -7.87 -0.65
N PRO G 20 -3.03 -7.81 -1.96
CA PRO G 20 -1.85 -7.07 -2.40
C PRO G 20 -2.08 -5.57 -2.39
N VAL G 21 -0.97 -4.84 -2.46
CA VAL G 21 -0.98 -3.38 -2.61
C VAL G 21 -0.01 -3.06 -3.74
N CYS G 22 -0.54 -2.90 -4.95
CA CYS G 22 0.31 -2.64 -6.11
C CYS G 22 0.38 -1.15 -6.41
N NH2 G 23 -0.77 -0.58 -6.84
C ACE H 1 3.29 10.12 4.14
O ACE H 1 3.89 9.95 5.22
CH3 ACE H 1 2.55 9.01 3.48
N CYS H 2 3.26 11.27 3.48
CA CYS H 2 3.92 12.50 3.92
C CYS H 2 3.07 13.30 4.92
N ASP H 3 3.74 14.08 5.77
CA ASP H 3 3.06 14.94 6.73
C ASP H 3 3.87 16.20 6.93
N ASN H 4 3.16 17.32 7.13
CA ASN H 4 3.78 18.62 7.46
C ASN H 4 4.84 19.03 6.45
N ILE H 5 4.58 18.74 5.18
CA ILE H 5 5.51 19.11 4.12
C ILE H 5 5.33 20.59 3.81
N LYS H 6 6.43 21.34 3.84
CA LYS H 6 6.44 22.76 3.49
C LYS H 6 7.33 22.92 2.27
N HIS H 7 6.75 22.74 1.09
CA HIS H 7 7.48 22.78 -0.17
C HIS H 7 7.40 24.19 -0.72
N VAL H 8 8.43 24.99 -0.47
CA VAL H 8 8.46 26.38 -0.93
C VAL H 8 9.76 26.63 -1.69
N PRO H 9 9.88 26.16 -2.93
CA PRO H 9 11.14 26.33 -3.66
C PRO H 9 11.46 27.76 -4.05
N GLY H 10 10.49 28.66 -4.08
CA GLY H 10 10.77 29.99 -4.61
C GLY H 10 11.19 29.96 -6.06
N GLY H 11 10.63 29.05 -6.84
CA GLY H 11 11.01 28.89 -8.22
C GLY H 11 10.27 27.73 -8.85
N GLY H 12 10.81 27.23 -9.96
CA GLY H 12 10.21 26.12 -10.66
C GLY H 12 10.08 24.88 -9.80
N SER H 13 8.88 24.29 -9.75
CA SER H 13 8.60 23.13 -8.93
C SER H 13 7.96 22.06 -9.78
N VAL H 14 8.59 20.89 -9.83
CA VAL H 14 8.10 19.75 -10.59
C VAL H 14 8.07 18.53 -9.66
N GLN H 15 6.93 17.84 -9.61
CA GLN H 15 6.79 16.63 -8.82
C GLN H 15 6.24 15.54 -9.74
N ILE H 16 7.04 14.48 -9.94
CA ILE H 16 6.67 13.37 -10.81
C ILE H 16 6.72 12.10 -9.98
N VAL H 17 5.60 11.39 -9.90
CA VAL H 17 5.48 10.18 -9.10
C VAL H 17 4.94 9.07 -9.99
N TYR H 18 5.22 7.82 -9.62
CA TYR H 18 4.73 6.66 -10.35
C TYR H 18 4.38 5.56 -9.37
N LYS H 19 3.17 5.02 -9.51
CA LYS H 19 2.58 3.95 -8.68
C LYS H 19 2.99 4.03 -7.21
N PRO H 20 2.79 5.16 -6.53
CA PRO H 20 3.18 5.23 -5.12
C PRO H 20 2.21 4.50 -4.22
N VAL H 21 2.67 4.25 -2.99
CA VAL H 21 1.83 3.70 -1.93
C VAL H 21 2.09 4.56 -0.70
N CYS H 22 1.22 5.54 -0.47
CA CYS H 22 1.40 6.47 0.65
C CYS H 22 0.57 6.03 1.85
N NH2 H 23 -0.75 6.11 1.71
C ACE I 1 12.94 -4.89 -6.84
O ACE I 1 14.07 -4.38 -6.92
CH3 ACE I 1 11.92 -4.41 -5.85
N CYS I 2 12.52 -5.89 -7.61
CA CYS I 2 13.32 -6.54 -8.64
C CYS I 2 13.29 -5.80 -9.97
N ASP I 3 14.34 -5.94 -10.77
CA ASP I 3 14.42 -5.34 -12.09
C ASP I 3 15.20 -6.26 -13.03
N ASN I 4 14.78 -6.29 -14.29
CA ASN I 4 15.49 -7.01 -15.35
C ASN I 4 15.70 -8.48 -15.00
N ILE I 5 14.71 -9.08 -14.35
CA ILE I 5 14.79 -10.49 -13.99
C ILE I 5 14.48 -11.34 -15.20
N LYS I 6 15.37 -12.26 -15.53
CA LYS I 6 15.17 -13.20 -16.64
C LYS I 6 15.14 -14.60 -16.04
N HIS I 7 13.94 -15.02 -15.62
CA HIS I 7 13.74 -16.30 -14.95
C HIS I 7 13.35 -17.33 -16.00
N VAL I 8 14.33 -18.09 -16.47
CA VAL I 8 14.08 -19.10 -17.49
C VAL I 8 14.65 -20.44 -17.02
N PRO I 9 13.96 -21.12 -16.10
CA PRO I 9 14.51 -22.40 -15.59
C PRO I 9 14.53 -23.53 -16.58
N GLY I 10 13.76 -23.48 -17.67
CA GLY I 10 13.68 -24.64 -18.54
C GLY I 10 13.11 -25.85 -17.84
N GLY I 11 12.18 -25.64 -16.92
CA GLY I 11 11.63 -26.72 -16.13
C GLY I 11 10.63 -26.19 -15.12
N GLY I 12 10.37 -27.00 -14.10
CA GLY I 12 9.44 -26.62 -13.04
C GLY I 12 9.86 -25.35 -12.33
N SER I 13 8.94 -24.39 -12.22
CA SER I 13 9.21 -23.11 -11.61
C SER I 13 8.16 -22.83 -10.54
N VAL I 14 8.62 -22.63 -9.31
CA VAL I 14 7.74 -22.32 -8.17
C VAL I 14 8.28 -21.09 -7.48
N GLN I 15 7.41 -20.11 -7.25
CA GLN I 15 7.76 -18.88 -6.53
C GLN I 15 6.75 -18.69 -5.41
N ILE I 16 7.23 -18.73 -4.16
CA ILE I 16 6.39 -18.60 -2.98
C ILE I 16 6.94 -17.43 -2.17
N VAL I 17 6.09 -16.43 -1.93
CA VAL I 17 6.48 -15.22 -1.21
C VAL I 17 5.49 -15.00 -0.08
N TYR I 18 5.92 -14.29 0.96
CA TYR I 18 5.07 -13.97 2.10
C TYR I 18 5.38 -12.56 2.57
N LYS I 19 4.33 -11.75 2.72
CA LYS I 19 4.37 -10.35 3.15
C LYS I 19 5.60 -9.58 2.65
N PRO I 20 5.87 -9.55 1.36
CA PRO I 20 7.06 -8.83 0.88
C PRO I 20 6.85 -7.33 0.88
N VAL I 21 7.96 -6.60 0.77
CA VAL I 21 7.95 -5.16 0.60
C VAL I 21 8.93 -4.87 -0.54
N CYS I 22 8.40 -4.73 -1.76
CA CYS I 22 9.24 -4.51 -2.93
C CYS I 22 9.33 -3.02 -3.26
N NH2 I 23 8.17 -2.49 -3.71
C ACE J 1 12.36 8.45 7.03
O ACE J 1 12.96 8.30 8.11
CH3 ACE J 1 11.61 7.33 6.40
N CYS J 2 12.34 9.59 6.35
CA CYS J 2 13.00 10.84 6.76
C CYS J 2 12.17 11.66 7.74
N ASP J 3 12.84 12.44 8.58
CA ASP J 3 12.18 13.33 9.52
C ASP J 3 13.00 14.60 9.69
N ASN J 4 12.30 15.73 9.86
CA ASN J 4 12.93 17.02 10.17
C ASN J 4 13.99 17.40 9.14
N ILE J 5 13.72 17.09 7.88
CA ILE J 5 14.65 17.43 6.81
C ILE J 5 14.48 18.90 6.46
N LYS J 6 15.59 19.64 6.48
CA LYS J 6 15.60 21.05 6.10
C LYS J 6 16.50 21.18 4.87
N HIS J 7 15.90 20.97 3.70
CA HIS J 7 16.63 20.99 2.44
C HIS J 7 16.56 22.39 1.85
N VAL J 8 17.60 23.18 2.08
CA VAL J 8 17.63 24.56 1.58
C VAL J 8 18.94 24.78 0.82
N PRO J 9 19.05 24.29 -0.41
CA PRO J 9 20.30 24.43 -1.16
C PRO J 9 20.64 25.85 -1.57
N GLY J 10 19.67 26.77 -1.63
CA GLY J 10 19.96 28.08 -2.18
C GLY J 10 20.38 28.01 -3.63
N GLY J 11 19.80 27.08 -4.38
CA GLY J 11 20.18 26.88 -5.77
C GLY J 11 19.43 25.73 -6.36
N GLY J 12 19.96 25.20 -7.47
CA GLY J 12 19.35 24.07 -8.14
C GLY J 12 19.21 22.85 -7.26
N SER J 13 18.00 22.29 -7.19
CA SER J 13 17.72 21.14 -6.33
C SER J 13 17.07 20.05 -7.17
N VAL J 14 17.69 18.87 -7.19
CA VAL J 14 17.18 17.72 -7.93
C VAL J 14 17.16 16.53 -6.97
N GLN J 15 16.01 15.85 -6.90
CA GLN J 15 15.86 14.65 -6.09
C GLN J 15 15.30 13.54 -6.98
N ILE J 16 16.08 12.48 -7.16
CA ILE J 16 15.70 11.35 -7.99
C ILE J 16 15.76 10.10 -7.15
N VAL J 17 14.62 9.41 -7.04
CA VAL J 17 14.50 8.22 -6.22
C VAL J 17 13.94 7.09 -7.08
N TYR J 18 14.22 5.84 -6.68
CA TYR J 18 13.73 4.67 -7.39
C TYR J 18 13.37 3.59 -6.38
N LYS J 19 12.15 3.06 -6.50
CA LYS J 19 11.56 2.02 -5.66
C LYS J 19 11.96 2.13 -4.18
N PRO J 20 11.78 3.27 -3.52
CA PRO J 20 12.19 3.37 -2.12
C PRO J 20 11.20 2.67 -1.20
N VAL J 21 11.67 2.44 0.03
CA VAL J 21 10.83 1.91 1.12
C VAL J 21 11.09 2.80 2.32
N CYS J 22 10.24 3.80 2.53
CA CYS J 22 10.43 4.74 3.62
C CYS J 22 9.60 4.34 4.84
N NH2 J 23 8.27 4.44 4.71
C ACE K 1 -9.75 -6.30 5.00
O ACE K 1 -8.66 -6.53 4.65
CH3 ACE K 1 -10.65 -5.47 4.14
N CYS K 2 -10.30 -6.71 6.14
CA CYS K 2 -9.78 -7.74 7.07
C CYS K 2 -10.47 -9.09 6.80
N ASP K 3 -10.07 -10.16 7.47
CA ASP K 3 -10.78 -11.43 7.33
C ASP K 3 -10.74 -12.18 8.66
N ASN K 4 -11.83 -12.89 8.96
CA ASN K 4 -11.93 -13.77 10.12
C ASN K 4 -11.61 -13.03 11.42
N ILE K 5 -12.04 -11.78 11.52
CA ILE K 5 -11.82 -10.98 12.72
C ILE K 5 -12.83 -11.39 13.77
N LYS K 6 -12.35 -11.75 14.96
CA LYS K 6 -13.19 -12.10 16.09
C LYS K 6 -12.94 -11.06 17.18
N HIS K 7 -13.66 -9.95 17.12
CA HIS K 7 -13.48 -8.83 18.04
C HIS K 7 -14.45 -9.01 19.20
N VAL K 8 -13.98 -9.57 20.30
CA VAL K 8 -14.83 -9.80 21.47
C VAL K 8 -14.14 -9.22 22.70
N PRO K 9 -14.18 -7.89 22.87
CA PRO K 9 -13.50 -7.29 24.03
C PRO K 9 -14.11 -7.60 25.37
N GLY K 10 -15.37 -8.02 25.44
CA GLY K 10 -16.00 -8.16 26.74
C GLY K 10 -16.08 -6.85 27.49
N GLY K 11 -16.29 -5.76 26.77
CA GLY K 11 -16.31 -4.44 27.39
C GLY K 11 -16.48 -3.37 26.34
N GLY K 12 -16.13 -2.14 26.70
CA GLY K 12 -16.23 -1.02 25.79
C GLY K 12 -15.42 -1.21 24.52
N SER K 13 -16.05 -1.02 23.37
CA SER K 13 -15.41 -1.22 22.07
C SER K 13 -15.61 0.03 21.23
N VAL K 14 -14.50 0.63 20.79
CA VAL K 14 -14.53 1.82 19.94
C VAL K 14 -13.63 1.55 18.75
N GLN K 15 -14.15 1.80 17.55
CA GLN K 15 -13.39 1.67 16.31
C GLN K 15 -13.52 2.96 15.53
N ILE K 16 -12.40 3.65 15.33
CA ILE K 16 -12.37 4.93 14.62
C ILE K 16 -11.41 4.79 13.45
N VAL K 17 -11.90 5.00 12.24
CA VAL K 17 -11.11 4.87 11.02
C VAL K 17 -11.23 6.15 10.22
N TYR K 18 -10.24 6.41 9.38
CA TYR K 18 -10.23 7.59 8.51
C TYR K 18 -9.63 7.22 7.17
N LYS K 19 -10.35 7.56 6.10
CA LYS K 19 -10.02 7.31 4.69
C LYS K 19 -9.29 5.98 4.47
N PRO K 20 -9.83 4.85 4.90
CA PRO K 20 -9.13 3.58 4.70
C PRO K 20 -9.25 3.09 3.27
N VAL K 21 -8.39 2.13 2.93
CA VAL K 21 -8.44 1.41 1.65
C VAL K 21 -8.32 -0.06 1.99
N CYS K 22 -9.45 -0.75 2.09
CA CYS K 22 -9.46 -2.15 2.45
C CYS K 22 -9.53 -3.04 1.21
N NH2 K 23 -10.65 -3.13 0.46
C ACE L 1 -14.23 -5.56 3.35
O ACE L 1 -13.14 -5.78 3.00
CH3 ACE L 1 -15.13 -4.72 2.51
N CYS L 2 -14.79 -5.95 4.54
CA CYS L 2 -14.23 -7.03 5.40
C CYS L 2 -14.93 -8.36 5.11
N ASP L 3 -14.55 -9.45 5.78
CA ASP L 3 -15.25 -10.72 5.63
C ASP L 3 -15.21 -11.48 6.94
N ASN L 4 -16.29 -12.20 7.23
CA ASN L 4 -16.39 -13.10 8.39
C ASN L 4 -16.08 -12.37 9.69
N ILE L 5 -16.52 -11.12 9.80
CA ILE L 5 -16.30 -10.35 11.01
C ILE L 5 -17.32 -10.77 12.06
N LYS L 6 -16.83 -11.13 13.24
CA LYS L 6 -17.68 -11.50 14.38
C LYS L 6 -17.43 -10.48 15.47
N HIS L 7 -18.15 -9.38 15.42
CA HIS L 7 -17.98 -8.26 16.35
C HIS L 7 -18.97 -8.45 17.50
N VAL L 8 -18.49 -9.03 18.61
CA VAL L 8 -19.34 -9.28 19.76
C VAL L 8 -18.66 -8.70 21.01
N PRO L 9 -18.70 -7.38 21.21
CA PRO L 9 -18.01 -6.79 22.36
C PRO L 9 -18.64 -7.12 23.70
N GLY L 10 -19.89 -7.55 23.76
CA GLY L 10 -20.53 -7.71 25.05
C GLY L 10 -20.62 -6.40 25.82
N GLY L 11 -20.83 -5.31 25.11
CA GLY L 11 -20.85 -4.00 25.74
C GLY L 11 -21.03 -2.91 24.70
N GLY L 12 -20.68 -1.69 25.09
CA GLY L 12 -20.78 -0.56 24.19
C GLY L 12 -19.97 -0.72 22.93
N SER L 13 -20.60 -0.53 21.77
CA SER L 13 -19.96 -0.71 20.47
C SER L 13 -20.15 0.56 19.64
N VAL L 14 -19.05 1.17 19.22
CA VAL L 14 -19.07 2.36 18.38
C VAL L 14 -18.17 2.12 17.18
N GLN L 15 -18.70 2.37 15.98
CA GLN L 15 -17.93 2.26 14.75
C GLN L 15 -18.07 3.57 13.98
N ILE L 16 -16.95 4.26 13.79
CA ILE L 16 -16.93 5.54 13.10
C ILE L 16 -15.95 5.42 11.94
N VAL L 17 -16.45 5.65 10.72
CA VAL L 17 -15.65 5.53 9.50
C VAL L 17 -15.78 6.82 8.72
N TYR L 18 -14.78 7.10 7.88
CA TYR L 18 -14.78 8.28 7.03
C TYR L 18 -14.17 7.94 5.68
N LYS L 19 -14.90 8.28 4.61
CA LYS L 19 -14.55 8.04 3.21
C LYS L 19 -13.82 6.72 2.96
N PRO L 20 -14.36 5.59 3.39
CA PRO L 20 -13.65 4.32 3.17
C PRO L 20 -13.77 3.85 1.73
N VAL L 21 -12.90 2.90 1.38
CA VAL L 21 -12.94 2.21 0.10
C VAL L 21 -12.82 0.72 0.42
N CYS L 22 -13.95 0.03 0.51
CA CYS L 22 -13.96 -1.39 0.86
C CYS L 22 -14.02 -2.25 -0.39
N NH2 L 23 -15.11 -2.31 -1.19
C ACE M 1 -0.81 -7.87 8.31
O ACE M 1 0.28 -8.11 7.95
CH3 ACE M 1 -1.70 -7.04 7.44
N CYS M 2 -1.36 -8.24 9.45
CA CYS M 2 -0.84 -9.25 10.40
C CYS M 2 -1.54 -10.60 10.16
N ASP M 3 -1.15 -11.67 10.86
CA ASP M 3 -1.85 -12.93 10.76
C ASP M 3 -1.82 -13.65 12.10
N ASN M 4 -2.92 -14.34 12.41
CA ASN M 4 -3.01 -15.20 13.60
C ASN M 4 -2.68 -14.43 14.88
N ILE M 5 -3.11 -13.17 14.95
CA ILE M 5 -2.88 -12.36 16.13
C ILE M 5 -3.88 -12.74 17.21
N LYS M 6 -3.40 -13.07 18.39
CA LYS M 6 -4.24 -13.39 19.53
C LYS M 6 -3.97 -12.33 20.60
N HIS M 7 -4.69 -11.22 20.51
CA HIS M 7 -4.50 -10.08 21.42
C HIS M 7 -5.47 -10.22 22.57
N VAL M 8 -4.99 -10.76 23.69
CA VAL M 8 -5.84 -10.96 24.86
C VAL M 8 -5.15 -10.35 26.07
N PRO M 9 -5.18 -9.02 26.23
CA PRO M 9 -4.47 -8.40 27.36
C PRO M 9 -5.09 -8.68 28.72
N GLY M 10 -6.36 -9.08 28.80
CA GLY M 10 -6.98 -9.20 30.11
C GLY M 10 -7.05 -7.87 30.82
N GLY M 11 -7.25 -6.79 30.08
CA GLY M 11 -7.26 -5.46 30.67
C GLY M 11 -7.43 -4.42 29.59
N GLY M 12 -7.06 -3.18 29.93
CA GLY M 12 -7.16 -2.07 29.00
C GLY M 12 -6.36 -2.30 27.73
N SER M 13 -7.00 -2.13 26.57
CA SER M 13 -6.36 -2.36 25.27
C SER M 13 -6.55 -1.13 24.40
N VAL M 14 -5.44 -0.55 23.95
CA VAL M 14 -5.46 0.62 23.08
C VAL M 14 -4.57 0.33 21.89
N GLN M 15 -5.10 0.54 20.68
CA GLN M 15 -4.35 0.38 19.43
C GLN M 15 -4.47 1.66 18.64
N ILE M 16 -3.34 2.34 18.41
CA ILE M 16 -3.31 3.60 17.68
C ILE M 16 -2.35 3.43 16.51
N VAL M 17 -2.86 3.63 15.30
CA VAL M 17 -2.06 3.45 14.08
C VAL M 17 -2.18 4.72 13.25
N TYR M 18 -1.20 4.95 12.39
CA TYR M 18 -1.18 6.10 11.51
C TYR M 18 -0.58 5.71 10.17
N LYS M 19 -1.31 6.03 9.08
CA LYS M 19 -0.98 5.74 7.69
C LYS M 19 -0.26 4.40 7.49
N PRO M 20 -0.81 3.28 7.96
CA PRO M 20 -0.12 2.00 7.78
C PRO M 20 -0.25 1.48 6.36
N VAL M 21 0.60 0.51 6.04
CA VAL M 21 0.55 -0.23 4.78
C VAL M 21 0.65 -1.70 5.15
N CYS M 22 -0.49 -2.38 5.27
CA CYS M 22 -0.51 -3.77 5.66
C CYS M 22 -0.58 -4.69 4.44
N NH2 M 23 -1.69 -4.78 3.66
C ACE N 1 3.67 -8.67 9.94
O ACE N 1 4.75 -8.91 9.60
CH3 ACE N 1 2.77 -7.85 9.07
N CYS N 2 3.12 -9.03 11.10
CA CYS N 2 3.64 -10.04 12.06
C CYS N 2 2.92 -11.38 11.83
N ASP N 3 3.31 -12.44 12.54
CA ASP N 3 2.61 -13.71 12.45
C ASP N 3 2.63 -14.41 13.80
N ASN N 4 1.54 -15.10 14.12
CA ASN N 4 1.44 -15.94 15.32
C ASN N 4 1.78 -15.17 16.60
N ILE N 5 1.37 -13.90 16.65
CA ILE N 5 1.60 -13.08 17.82
C ILE N 5 0.59 -13.44 18.90
N LYS N 6 1.08 -13.76 20.09
CA LYS N 6 0.23 -14.06 21.24
C LYS N 6 0.51 -13.00 22.30
N HIS N 7 -0.21 -11.89 22.20
CA HIS N 7 -0.01 -10.73 23.08
C HIS N 7 -0.98 -10.86 24.25
N VAL N 8 -0.50 -11.40 25.37
CA VAL N 8 -1.34 -11.59 26.55
C VAL N 8 -0.64 -10.96 27.76
N PRO N 9 -0.68 -9.63 27.90
CA PRO N 9 0.03 -9.00 29.02
C PRO N 9 -0.58 -9.26 30.38
N GLY N 10 -1.84 -9.66 30.47
CA GLY N 10 -2.47 -9.76 31.78
C GLY N 10 -2.54 -8.43 32.48
N GLY N 11 -2.73 -7.35 31.72
CA GLY N 11 -2.73 -6.02 32.30
C GLY N 11 -2.91 -4.98 31.21
N GLY N 12 -2.53 -3.74 31.53
CA GLY N 12 -2.63 -2.65 30.59
C GLY N 12 -1.83 -2.88 29.33
N SER N 13 -2.46 -2.73 28.17
CA SER N 13 -1.83 -2.98 26.88
C SER N 13 -2.03 -1.75 25.99
N VAL N 14 -0.92 -1.18 25.54
CA VAL N 14 -0.93 -0.02 24.65
C VAL N 14 -0.05 -0.32 23.45
N GLN N 15 -0.57 -0.12 22.24
CA GLN N 15 0.18 -0.30 21.01
C GLN N 15 0.06 0.98 20.19
N ILE N 16 1.18 1.65 19.96
CA ILE N 16 1.22 2.89 19.21
C ILE N 16 2.17 2.71 18.05
N VAL N 17 1.67 2.90 16.83
CA VAL N 17 2.46 2.70 15.62
C VAL N 17 2.35 3.97 14.77
N TYR N 18 3.33 4.19 13.90
CA TYR N 18 3.35 5.33 13.01
C TYR N 18 3.93 4.93 11.67
N LYS N 19 3.21 5.23 10.59
CA LYS N 19 3.54 4.93 9.19
C LYS N 19 4.25 3.59 9.01
N PRO N 20 3.70 2.47 9.49
CA PRO N 20 4.39 1.19 9.32
C PRO N 20 4.25 0.66 7.91
N VAL N 21 5.10 -0.31 7.60
CA VAL N 21 5.04 -1.07 6.35
C VAL N 21 5.14 -2.54 6.73
N CYS N 22 4.00 -3.21 6.85
CA CYS N 22 3.97 -4.60 7.26
C CYS N 22 3.90 -5.53 6.06
N NH2 N 23 2.79 -5.62 5.28
C ACE O 1 -5.28 -7.11 6.65
O ACE O 1 -4.19 -7.34 6.29
CH3 ACE O 1 -6.19 -6.28 5.78
N CYS O 2 -5.83 -7.50 7.79
CA CYS O 2 -5.31 -8.52 8.72
C CYS O 2 -6.01 -9.87 8.47
N ASP O 3 -5.62 -10.94 9.15
CA ASP O 3 -6.32 -12.21 9.03
C ASP O 3 -6.28 -12.94 10.37
N ASN O 4 -7.38 -13.65 10.67
CA ASN O 4 -7.47 -14.52 11.84
C ASN O 4 -7.15 -13.77 13.13
N ILE O 5 -7.58 -12.51 13.22
CA ILE O 5 -7.35 -11.71 14.41
C ILE O 5 -8.36 -12.11 15.47
N LYS O 6 -7.87 -12.45 16.67
CA LYS O 6 -8.72 -12.78 17.80
C LYS O 6 -8.46 -11.74 18.88
N HIS O 7 -9.18 -10.63 18.80
CA HIS O 7 -8.99 -9.50 19.72
C HIS O 7 -9.97 -9.66 20.87
N VAL O 8 -9.49 -10.22 21.98
CA VAL O 8 -10.33 -10.43 23.16
C VAL O 8 -9.65 -9.83 24.39
N PRO O 9 -9.68 -8.51 24.55
CA PRO O 9 -8.99 -7.89 25.68
C PRO O 9 -9.60 -8.19 27.04
N GLY O 10 -10.86 -8.60 27.11
CA GLY O 10 -11.49 -8.73 28.42
C GLY O 10 -11.57 -7.41 29.15
N GLY O 11 -11.77 -6.32 28.43
CA GLY O 11 -11.78 -5.01 29.03
C GLY O 11 -11.96 -3.95 27.96
N GLY O 12 -11.60 -2.71 28.32
CA GLY O 12 -11.70 -1.60 27.39
C GLY O 12 -10.89 -1.80 26.12
N SER O 13 -11.52 -1.62 24.98
CA SER O 13 -10.88 -1.84 23.68
C SER O 13 -11.08 -0.60 22.82
N VAL O 14 -9.98 0.00 22.37
CA VAL O 14 -10.00 1.17 21.51
C VAL O 14 -9.10 0.90 20.32
N GLN O 15 -9.63 1.12 19.11
CA GLN O 15 -8.87 0.98 17.88
C GLN O 15 -9.00 2.28 17.09
N ILE O 16 -7.88 2.96 16.87
CA ILE O 16 -7.84 4.22 16.15
C ILE O 16 -6.88 4.07 14.99
N VAL O 17 -7.38 4.28 13.77
CA VAL O 17 -6.59 4.12 12.56
C VAL O 17 -6.71 5.41 11.74
N TYR O 18 -5.71 5.65 10.89
CA TYR O 18 -5.70 6.81 10.02
C TYR O 18 -5.11 6.43 8.67
N LYS O 19 -5.84 6.77 7.60
CA LYS O 19 -5.50 6.49 6.20
C LYS O 19 -4.77 5.16 5.98
N PRO O 20 -5.32 4.03 6.43
CA PRO O 20 -4.63 2.76 6.24
C PRO O 20 -4.75 2.25 4.81
N VAL O 21 -3.89 1.30 4.48
CA VAL O 21 -3.95 0.57 3.22
C VAL O 21 -3.84 -0.91 3.56
N CYS O 22 -4.97 -1.58 3.68
CA CYS O 22 -4.99 -2.99 4.05
C CYS O 22 -5.06 -3.89 2.83
N NH2 O 23 -6.17 -3.96 2.03
C01 8VH P . 5.71 -9.46 -8.27
C02 8VH P . 5.13 -8.51 -7.43
C03 8VH P . 4.01 -8.79 -6.66
C04 8VH P . 3.45 -10.06 -6.74
C05 8VH P . 4.01 -11.02 -7.57
C06 8VH P . 5.13 -10.72 -8.33
C07 8VH P . 3.41 -7.74 -5.76
C08 8VH P . 6.92 -9.13 -9.09
C01 8VH Q . 8.66 11.68 -0.07
C02 8VH Q . 7.95 10.48 -0.05
C03 8VH Q . 7.44 9.91 -1.22
C04 8VH Q . 7.65 10.56 -2.43
C05 8VH Q . 8.36 11.76 -2.46
C06 8VH Q . 8.85 12.32 -1.28
C07 8VH Q . 6.69 8.61 -1.16
C08 8VH Q . 9.18 12.26 1.21
C01 8VH R . -7.58 -6.49 -13.22
C02 8VH R . -8.18 -5.58 -12.35
C03 8VH R . -9.30 -5.91 -11.60
C04 8VH R . -9.84 -7.18 -11.72
C05 8VH R . -9.27 -8.10 -12.58
C06 8VH R . -8.14 -7.77 -13.33
C07 8VH R . -9.91 -4.89 -10.67
C08 8VH R . -6.37 -6.12 -14.01
C01 8VH S . -4.94 14.38 -4.27
C02 8VH S . -5.64 13.18 -4.31
C03 8VH S . -6.12 12.63 -5.50
C04 8VH S . -5.91 13.34 -6.68
C05 8VH S . -5.23 14.55 -6.66
C06 8VH S . -4.75 15.06 -5.48
C07 8VH S . -6.87 11.33 -5.49
C08 8VH S . -4.43 14.93 -2.97
C01 8VH T . -3.16 -7.46 -11.57
C02 8VH T . -3.73 -6.53 -10.71
C03 8VH T . -4.85 -6.84 -9.95
C04 8VH T . -5.40 -8.11 -10.07
C05 8VH T . -4.84 -9.05 -10.92
C06 8VH T . -3.72 -8.73 -11.66
C07 8VH T . -5.46 -5.81 -9.04
C08 8VH T . -1.93 -7.10 -12.38
C01 8VH U . -0.41 13.51 -2.88
C02 8VH U . -1.09 12.31 -2.91
C03 8VH U . -1.59 11.75 -4.08
C04 8VH U . -1.38 12.44 -5.27
C05 8VH U . -0.68 13.64 -5.28
C06 8VH U . -0.20 14.18 -4.10
C07 8VH U . -2.34 10.45 -4.06
C08 8VH U . 0.12 14.08 -1.59
C01 8VH V . 1.28 -8.46 -9.93
C02 8VH V . 0.70 -7.53 -9.08
C03 8VH V . -0.42 -7.81 -8.32
C04 8VH V . -0.98 -9.09 -8.41
C05 8VH V . -0.41 -10.03 -9.25
C06 8VH V . 0.71 -9.73 -10.01
C07 8VH V . -1.02 -6.78 -7.41
C08 8VH V . 2.49 -8.11 -10.75
C01 8VH W . 4.12 12.59 -1.46
C02 8VH W . 3.42 11.39 -1.47
C03 8VH W . 2.91 10.83 -2.64
C04 8VH W . 3.13 11.51 -3.84
C05 8VH W . 3.83 12.70 -3.85
C06 8VH W . 4.32 13.24 -2.68
C07 8VH W . 2.17 9.53 -2.61
C08 8VH W . 4.64 13.17 -0.18
C01 8VH X . 10.16 -10.41 -6.62
C02 8VH X . 9.59 -9.44 -5.79
C03 8VH X . 8.46 -9.71 -5.02
C04 8VH X . 7.89 -10.98 -5.08
C05 8VH X . 8.45 -11.96 -5.91
C06 8VH X . 9.57 -11.67 -6.68
C07 8VH X . 7.87 -8.66 -4.13
C08 8VH X . 11.37 -10.09 -7.45
C01 8VH Y . 13.19 10.80 1.37
C02 8VH Y . 12.47 9.60 1.39
C03 8VH Y . 11.97 9.02 0.23
C04 8VH Y . 12.19 9.67 -0.98
C05 8VH Y . 12.88 10.86 -1.02
C06 8VH Y . 13.38 11.42 0.14
C07 8VH Y . 11.20 7.73 0.30
C08 8VH Y . 13.71 11.40 2.64
C01 8VH Z . -11.18 -3.06 9.21
C02 8VH Z . -11.10 -2.51 7.93
C03 8VH Z . -11.55 -1.23 7.64
C04 8VH Z . -12.10 -0.47 8.68
C05 8VH Z . -12.18 -1.00 9.96
C06 8VH Z . -11.72 -2.27 10.23
C07 8VH Z . -11.45 -0.67 6.25
C08 8VH Z . -10.67 -4.44 9.48
C01 8VH AA . -15.67 -2.37 7.60
C02 8VH AA . -15.60 -1.81 6.32
C03 8VH AA . -16.06 -0.53 6.05
C04 8VH AA . -16.60 0.22 7.10
C05 8VH AA . -16.69 -0.33 8.37
C06 8VH AA . -16.23 -1.61 8.62
C07 8VH AA . -15.95 0.05 4.67
C08 8VH AA . -15.16 -3.76 7.85
C01 8VH BA . -2.19 -4.51 12.45
C02 8VH BA . -2.11 -4.00 11.15
C03 8VH BA . -2.56 -2.72 10.84
C04 8VH BA . -3.09 -1.94 11.86
C05 8VH BA . -3.18 -2.43 13.15
C06 8VH BA . -2.73 -3.70 13.44
C07 8VH BA . -2.45 -2.20 9.44
C08 8VH BA . -1.70 -5.90 12.74
C01 8VH CA . 2.31 -5.26 14.05
C02 8VH CA . 2.38 -4.77 12.76
C03 8VH CA . 1.93 -3.49 12.43
C04 8VH CA . 1.41 -2.69 13.45
C05 8VH CA . 1.32 -3.18 14.75
C06 8VH CA . 1.77 -4.45 15.05
C07 8VH CA . 2.03 -2.98 11.03
C08 8VH CA . 2.79 -6.65 14.36
C01 8VH DA . -6.69 -3.82 10.82
C02 8VH DA . -6.61 -3.29 9.53
C03 8VH DA . -7.05 -2.00 9.24
C04 8VH DA . -7.60 -1.23 10.26
C05 8VH DA . -7.68 -1.74 11.56
C06 8VH DA . -7.22 -3.02 11.83
C07 8VH DA . -6.96 -1.47 7.84
C08 8VH DA . -6.18 -5.20 11.11
#